data_5TKW
#
_entry.id   5TKW
#
_cell.length_a   63.901
_cell.length_b   81.579
_cell.length_c   40.231
_cell.angle_alpha   90.00
_cell.angle_beta   90.00
_cell.angle_gamma   90.00
#
_symmetry.space_group_name_H-M   'P 21 21 2'
#
loop_
_entity.id
_entity.type
_entity.pdbx_description
1 polymer 'Type II secretion system protein L'
2 non-polymer 'FORMIC ACID'
3 water water
#
_entity_poly.entity_id   1
_entity_poly.type   'polypeptide(L)'
_entity_poly.pdbx_seq_one_letter_code
;(MSE)NKINASPQA(MSE)LIVRLAAAQAPLHWQLFAPGEPHHEASGRWPTDDASPFPALAEQYPAWVLIPASDCAFHSL
TLPAGLRKPPLQVAPFLLEEQLADDVEATHFALLHRQQAQCEIVAVQRQK(MSE)RDWLARCESLSLQPLALTPDVLALP
WQPPAWSAVQVDEQWLIRHQPWGG(MSE)AAENVWLTELLQSEAEEHVIDSYSPPPAAPGVWREQPAQTLLTLAARHPAA
QKLSLLQGEFAVR
;
_entity_poly.pdbx_strand_id   A
#
# COMPACT_ATOMS: atom_id res chain seq x y z
N ASN A 2 -30.28 -0.37 1.48
CA ASN A 2 -30.09 0.05 0.05
C ASN A 2 -28.78 -0.31 -0.56
N LYS A 3 -27.80 -0.65 0.27
CA LYS A 3 -26.48 -0.98 -0.23
C LYS A 3 -26.55 -2.19 -1.15
N ILE A 4 -25.76 -2.13 -2.20
CA ILE A 4 -25.70 -3.19 -3.19
C ILE A 4 -24.90 -4.36 -2.61
N ASN A 5 -23.89 -4.06 -1.79
CA ASN A 5 -22.99 -5.08 -1.19
C ASN A 5 -22.64 -6.14 -2.24
N ALA A 6 -22.07 -5.70 -3.34
CA ALA A 6 -21.64 -6.62 -4.39
C ALA A 6 -20.68 -7.67 -3.83
N SER A 7 -20.81 -8.90 -4.32
N SER A 7 -20.82 -8.90 -4.31
N SER A 7 -20.80 -8.89 -4.34
CA SER A 7 -19.89 -9.96 -3.92
CA SER A 7 -19.92 -9.99 -3.89
CA SER A 7 -19.90 -9.98 -3.95
C SER A 7 -18.46 -9.54 -4.25
C SER A 7 -18.47 -9.62 -4.27
C SER A 7 -18.45 -9.57 -4.27
N PRO A 8 -17.50 -9.84 -3.36
CA PRO A 8 -16.13 -9.43 -3.63
C PRO A 8 -15.48 -10.15 -4.81
N GLN A 9 -14.60 -9.43 -5.49
CA GLN A 9 -13.90 -9.93 -6.65
C GLN A 9 -12.75 -10.89 -6.29
N ALA A 10 -12.72 -12.06 -6.94
CA ALA A 10 -11.60 -13.00 -6.74
C ALA A 10 -10.36 -12.36 -7.34
N LEU A 12 -5.69 -12.38 -7.17
CA LEU A 12 -4.39 -12.79 -6.69
C LEU A 12 -3.80 -11.53 -6.06
N ILE A 13 -3.47 -11.58 -4.77
CA ILE A 13 -2.89 -10.43 -4.08
C ILE A 13 -1.39 -10.70 -3.98
N VAL A 14 -0.60 -9.75 -4.44
CA VAL A 14 0.84 -9.90 -4.53
C VAL A 14 1.52 -8.72 -3.87
N ARG A 15 2.57 -8.96 -3.08
CA ARG A 15 3.38 -7.87 -2.58
C ARG A 15 4.79 -7.97 -3.19
N LEU A 16 5.18 -6.89 -3.87
CA LEU A 16 6.51 -6.73 -4.46
C LEU A 16 7.32 -5.79 -3.61
N ALA A 17 8.61 -6.03 -3.57
CA ALA A 17 9.54 -5.16 -2.89
C ALA A 17 10.77 -5.07 -3.79
N ALA A 18 11.96 -5.42 -3.30
CA ALA A 18 13.16 -5.38 -4.14
C ALA A 18 13.10 -6.48 -5.19
N ALA A 19 13.62 -6.20 -6.39
CA ALA A 19 13.63 -7.17 -7.48
C ALA A 19 14.35 -8.46 -7.05
N GLN A 20 15.36 -8.30 -6.19
CA GLN A 20 16.14 -9.42 -5.69
C GLN A 20 15.43 -10.38 -4.76
N ALA A 21 14.33 -9.94 -4.15
CA ALA A 21 13.60 -10.76 -3.19
C ALA A 21 12.40 -11.46 -3.79
N PRO A 22 12.12 -12.69 -3.37
CA PRO A 22 10.90 -13.32 -3.86
C PRO A 22 9.66 -12.56 -3.36
N LEU A 23 8.69 -12.38 -4.25
CA LEU A 23 7.45 -11.71 -3.88
C LEU A 23 6.64 -12.62 -2.96
N HIS A 24 5.63 -12.03 -2.33
CA HIS A 24 4.63 -12.77 -1.56
C HIS A 24 3.36 -12.77 -2.36
N TRP A 25 2.65 -13.90 -2.41
CA TRP A 25 1.34 -13.94 -3.06
C TRP A 25 0.33 -14.74 -2.23
N GLN A 26 -0.95 -14.42 -2.40
CA GLN A 26 -2.03 -15.15 -1.75
C GLN A 26 -3.26 -15.03 -2.65
N LEU A 27 -3.99 -16.12 -2.81
CA LEU A 27 -5.22 -16.10 -3.60
C LEU A 27 -6.42 -15.80 -2.72
N PHE A 28 -7.23 -14.85 -3.19
CA PHE A 28 -8.54 -14.56 -2.60
C PHE A 28 -9.57 -15.03 -3.64
N ALA A 29 -10.22 -16.15 -3.36
CA ALA A 29 -11.23 -16.68 -4.29
C ALA A 29 -12.22 -17.52 -3.51
N PRO A 30 -13.10 -16.84 -2.74
CA PRO A 30 -14.07 -17.53 -1.89
C PRO A 30 -14.81 -18.64 -2.62
N GLY A 31 -14.82 -19.81 -2.00
CA GLY A 31 -15.51 -20.98 -2.54
C GLY A 31 -14.73 -21.79 -3.56
N GLU A 32 -13.65 -21.23 -4.11
CA GLU A 32 -12.87 -21.91 -5.13
C GLU A 32 -11.79 -22.79 -4.44
N PRO A 33 -11.28 -23.83 -5.12
CA PRO A 33 -10.37 -24.81 -4.50
C PRO A 33 -9.09 -24.31 -3.84
N HIS A 34 -8.45 -23.31 -4.41
CA HIS A 34 -7.21 -22.77 -3.83
C HIS A 34 -7.39 -21.46 -3.07
N HIS A 35 -8.61 -21.17 -2.62
CA HIS A 35 -8.84 -20.00 -1.77
C HIS A 35 -7.85 -20.02 -0.60
N GLU A 36 -7.18 -18.88 -0.39
CA GLU A 36 -6.20 -18.69 0.69
C GLU A 36 -4.87 -19.39 0.48
N ALA A 37 -4.67 -20.02 -0.68
CA ALA A 37 -3.35 -20.55 -1.00
C ALA A 37 -2.35 -19.39 -1.01
N SER A 38 -1.11 -19.65 -0.64
CA SER A 38 -0.11 -18.60 -0.58
C SER A 38 1.27 -19.16 -0.82
N GLY A 39 2.20 -18.26 -1.10
CA GLY A 39 3.56 -18.67 -1.40
C GLY A 39 4.46 -17.50 -1.76
N ARG A 40 5.64 -17.86 -2.28
CA ARG A 40 6.64 -16.90 -2.72
C ARG A 40 6.99 -17.19 -4.18
N TRP A 41 7.56 -16.21 -4.87
CA TRP A 41 8.01 -16.43 -6.23
C TRP A 41 9.21 -15.53 -6.53
N PRO A 42 10.30 -16.04 -7.09
CA PRO A 42 10.48 -17.44 -7.49
C PRO A 42 10.69 -18.39 -6.32
N THR A 43 10.55 -19.67 -6.61
CA THR A 43 10.71 -20.74 -5.65
C THR A 43 10.99 -22.04 -6.40
N ASP A 44 11.64 -22.99 -5.72
CA ASP A 44 11.79 -24.34 -6.32
C ASP A 44 10.60 -25.27 -6.02
N ASP A 45 9.64 -24.79 -5.23
CA ASP A 45 8.40 -25.56 -5.04
C ASP A 45 7.63 -25.56 -6.37
N ALA A 46 6.87 -26.63 -6.64
CA ALA A 46 6.02 -26.71 -7.84
C ALA A 46 4.74 -25.92 -7.56
N SER A 47 4.94 -24.62 -7.58
CA SER A 47 3.97 -23.65 -7.21
C SER A 47 2.89 -23.42 -8.25
N PRO A 48 1.64 -23.16 -7.81
CA PRO A 48 0.57 -22.83 -8.75
C PRO A 48 0.62 -21.37 -9.24
N PHE A 49 1.52 -20.56 -8.69
CA PHE A 49 1.57 -19.13 -9.01
C PHE A 49 1.49 -18.77 -10.51
N PRO A 50 2.31 -19.40 -11.37
CA PRO A 50 2.22 -18.98 -12.79
C PRO A 50 0.86 -19.25 -13.41
N ALA A 51 0.19 -20.31 -12.98
CA ALA A 51 -1.15 -20.58 -13.49
C ALA A 51 -2.15 -19.60 -12.91
N LEU A 52 -2.03 -19.29 -11.62
CA LEU A 52 -2.95 -18.33 -11.00
C LEU A 52 -2.83 -16.96 -11.65
N ALA A 53 -1.62 -16.57 -12.05
CA ALA A 53 -1.40 -15.29 -12.72
C ALA A 53 -2.16 -15.19 -14.05
N GLU A 54 -2.37 -16.34 -14.69
CA GLU A 54 -3.12 -16.39 -15.95
C GLU A 54 -4.64 -16.49 -15.77
N GLN A 55 -5.10 -16.78 -14.56
CA GLN A 55 -6.51 -17.02 -14.28
C GLN A 55 -7.21 -15.94 -13.46
N TYR A 56 -6.45 -15.11 -12.75
CA TYR A 56 -7.02 -14.08 -11.88
C TYR A 56 -6.33 -12.75 -12.06
N PRO A 57 -7.07 -11.65 -11.93
CA PRO A 57 -6.44 -10.33 -11.93
C PRO A 57 -5.62 -10.19 -10.64
N ALA A 58 -4.66 -9.27 -10.64
CA ALA A 58 -3.75 -9.09 -9.54
C ALA A 58 -3.89 -7.74 -8.85
N TRP A 59 -3.95 -7.77 -7.52
CA TRP A 59 -3.84 -6.55 -6.72
C TRP A 59 -2.42 -6.55 -6.21
N VAL A 60 -1.63 -5.56 -6.62
CA VAL A 60 -0.22 -5.51 -6.27
C VAL A 60 0.02 -4.49 -5.18
N LEU A 61 0.67 -4.93 -4.11
CA LEU A 61 1.08 -4.05 -3.03
C LEU A 61 2.59 -3.80 -3.16
N ILE A 62 3.00 -2.58 -2.85
CA ILE A 62 4.42 -2.21 -2.89
C ILE A 62 4.82 -1.60 -1.53
N PRO A 63 6.12 -1.49 -1.24
CA PRO A 63 6.48 -1.04 0.09
C PRO A 63 6.21 0.42 0.39
N ALA A 64 5.57 0.67 1.52
CA ALA A 64 5.36 2.03 1.99
C ALA A 64 6.70 2.74 2.20
N SER A 65 7.74 1.99 2.52
CA SER A 65 9.07 2.60 2.70
C SER A 65 9.58 3.28 1.42
N ASP A 66 9.05 2.88 0.27
CA ASP A 66 9.43 3.48 -1.02
C ASP A 66 8.54 4.65 -1.44
N CYS A 67 7.55 4.96 -0.62
CA CYS A 67 6.57 5.99 -0.88
C CYS A 67 6.74 7.12 0.10
N ALA A 68 6.24 8.29 -0.29
CA ALA A 68 6.17 9.43 0.60
C ALA A 68 4.73 9.95 0.52
N PHE A 69 4.15 10.25 1.67
CA PHE A 69 2.77 10.70 1.75
C PHE A 69 2.72 12.15 2.15
N HIS A 70 1.98 12.96 1.37
CA HIS A 70 1.93 14.40 1.61
C HIS A 70 0.56 14.99 1.49
N SER A 71 0.31 16.00 2.29
CA SER A 71 -0.87 16.81 2.17
C SER A 71 -0.49 18.09 1.41
N LEU A 72 -1.42 18.61 0.65
CA LEU A 72 -1.18 19.91 0.02
C LEU A 72 -2.49 20.66 -0.14
N THR A 73 -2.34 21.97 -0.24
CA THR A 73 -3.46 22.89 -0.40
C THR A 73 -3.35 23.50 -1.77
N LEU A 74 -4.39 23.31 -2.59
CA LEU A 74 -4.42 23.91 -3.91
C LEU A 74 -4.55 25.42 -3.74
N PRO A 75 -3.65 26.21 -4.36
CA PRO A 75 -3.75 27.67 -4.24
C PRO A 75 -5.12 28.20 -4.67
N ALA A 76 -5.61 29.20 -3.94
CA ALA A 76 -6.91 29.81 -4.23
C ALA A 76 -6.92 30.40 -5.64
N GLY A 77 -7.99 30.13 -6.39
CA GLY A 77 -8.14 30.65 -7.75
C GLY A 77 -7.33 29.92 -8.82
N LEU A 78 -6.47 29.00 -8.42
CA LEU A 78 -5.65 28.27 -9.37
C LEU A 78 -6.46 27.07 -9.87
N ARG A 79 -6.66 27.03 -11.18
CA ARG A 79 -7.47 25.97 -11.80
C ARG A 79 -6.73 24.73 -12.28
N LYS A 80 -5.48 24.60 -11.89
CA LYS A 80 -4.69 23.48 -12.33
C LYS A 80 -5.06 22.24 -11.52
N PRO A 81 -5.03 21.07 -12.19
CA PRO A 81 -5.38 19.85 -11.47
C PRO A 81 -4.35 19.49 -10.38
N PRO A 82 -4.79 18.76 -9.34
CA PRO A 82 -3.91 18.41 -8.23
C PRO A 82 -2.56 17.83 -8.64
N LEU A 83 -2.52 16.92 -9.61
CA LEU A 83 -1.25 16.28 -9.96
C LEU A 83 -0.28 17.16 -10.75
N GLN A 84 -0.77 18.28 -11.28
CA GLN A 84 0.12 19.29 -11.86
C GLN A 84 0.60 20.26 -10.78
N VAL A 85 -0.24 20.51 -9.77
CA VAL A 85 0.13 21.38 -8.64
C VAL A 85 1.13 20.70 -7.70
N ALA A 86 0.99 19.39 -7.51
CA ALA A 86 1.85 18.64 -6.60
C ALA A 86 3.34 18.82 -6.81
N PRO A 87 3.86 18.58 -8.03
CA PRO A 87 5.31 18.75 -8.18
C PRO A 87 5.82 20.15 -7.85
N PHE A 88 5.03 21.17 -8.17
N PHE A 88 4.99 21.16 -8.16
CA PHE A 88 5.48 22.52 -7.90
CA PHE A 88 5.29 22.58 -7.94
C PHE A 88 5.46 22.82 -6.38
C PHE A 88 5.35 22.94 -6.45
N LEU A 89 4.36 22.47 -5.69
CA LEU A 89 4.25 22.76 -4.26
C LEU A 89 5.11 21.89 -3.39
N LEU A 90 5.30 20.64 -3.81
CA LEU A 90 6.03 19.67 -2.98
C LEU A 90 7.50 19.49 -3.32
N GLU A 91 8.03 20.29 -4.24
CA GLU A 91 9.40 20.15 -4.69
C GLU A 91 10.41 20.06 -3.54
N GLU A 92 10.28 20.95 -2.55
N GLU A 92 10.29 20.97 -2.56
CA GLU A 92 11.23 20.99 -1.41
CA GLU A 92 11.23 20.99 -1.42
C GLU A 92 11.15 19.76 -0.51
C GLU A 92 11.13 19.78 -0.49
N GLN A 93 10.13 18.92 -0.69
CA GLN A 93 9.98 17.69 0.11
C GLN A 93 10.35 16.44 -0.66
N LEU A 94 10.79 16.58 -1.90
CA LEU A 94 11.19 15.43 -2.70
C LEU A 94 12.69 15.19 -2.63
N ALA A 95 13.08 13.92 -2.47
CA ALA A 95 14.50 13.56 -2.49
C ALA A 95 15.05 13.61 -3.91
N ASP A 96 14.19 13.29 -4.87
CA ASP A 96 14.55 13.22 -6.29
C ASP A 96 14.06 14.46 -7.00
N ASP A 97 14.55 14.66 -8.23
CA ASP A 97 14.09 15.76 -9.05
C ASP A 97 12.59 15.54 -9.31
N VAL A 98 11.86 16.64 -9.48
CA VAL A 98 10.43 16.54 -9.79
C VAL A 98 10.16 15.67 -11.02
N GLU A 99 11.01 15.79 -12.03
CA GLU A 99 10.86 15.03 -13.27
C GLU A 99 11.07 13.53 -13.08
N ALA A 100 11.79 13.14 -12.02
CA ALA A 100 12.03 11.75 -11.70
C ALA A 100 10.99 11.16 -10.74
N THR A 101 9.97 11.97 -10.38
CA THR A 101 8.97 11.60 -9.38
C THR A 101 7.57 11.42 -9.97
N HIS A 102 6.95 10.32 -9.58
CA HIS A 102 5.57 10.00 -9.91
C HIS A 102 4.67 10.38 -8.75
N PHE A 103 3.54 11.00 -9.07
CA PHE A 103 2.54 11.41 -8.08
C PHE A 103 1.21 10.75 -8.34
N ALA A 104 0.51 10.41 -7.27
CA ALA A 104 -0.83 9.85 -7.36
C ALA A 104 -1.71 10.52 -6.31
N LEU A 105 -2.96 10.79 -6.70
CA LEU A 105 -3.94 11.42 -5.81
C LEU A 105 -4.72 10.35 -5.05
N LEU A 106 -4.73 10.46 -3.74
CA LEU A 106 -5.48 9.52 -2.90
C LEU A 106 -6.82 10.06 -2.43
N HIS A 107 -6.87 11.36 -2.16
CA HIS A 107 -8.08 11.96 -1.61
C HIS A 107 -8.05 13.45 -1.84
N ARG A 108 -9.23 14.01 -2.06
CA ARG A 108 -9.37 15.46 -2.19
C ARG A 108 -10.66 15.91 -1.52
N GLN A 109 -10.56 16.99 -0.76
CA GLN A 109 -11.74 17.63 -0.18
C GLN A 109 -11.52 19.11 -0.49
N GLN A 110 -12.19 19.60 -1.53
CA GLN A 110 -12.03 20.97 -2.03
C GLN A 110 -10.56 21.28 -2.34
N ALA A 111 -9.95 22.23 -1.62
CA ALA A 111 -8.56 22.58 -1.88
C ALA A 111 -7.52 21.64 -1.27
N GLN A 112 -7.94 20.81 -0.30
CA GLN A 112 -6.99 19.93 0.40
C GLN A 112 -6.88 18.57 -0.27
N CYS A 113 -5.65 18.23 -0.68
CA CYS A 113 -5.37 16.98 -1.39
C CYS A 113 -4.38 16.14 -0.62
N GLU A 114 -4.53 14.81 -0.71
CA GLU A 114 -3.60 13.86 -0.09
C GLU A 114 -3.00 13.10 -1.25
N ILE A 115 -1.67 13.11 -1.35
N ILE A 115 -1.67 13.10 -1.29
CA ILE A 115 -1.01 12.44 -2.44
CA ILE A 115 -0.91 12.56 -2.41
C ILE A 115 0.03 11.45 -1.95
C ILE A 115 0.21 11.62 -2.00
N VAL A 116 0.50 10.63 -2.87
N VAL A 116 0.51 10.68 -2.90
CA VAL A 116 1.64 9.75 -2.63
CA VAL A 116 1.66 9.81 -2.73
C VAL A 116 2.64 9.98 -3.78
C VAL A 116 2.66 10.20 -3.78
N ALA A 117 3.93 10.12 -3.41
CA ALA A 117 5.03 10.35 -4.33
C ALA A 117 5.95 9.12 -4.27
N VAL A 118 6.44 8.71 -5.43
CA VAL A 118 7.33 7.56 -5.53
C VAL A 118 8.25 7.78 -6.74
N GLN A 119 9.46 7.25 -6.71
CA GLN A 119 10.34 7.35 -7.86
C GLN A 119 9.73 6.72 -9.10
N ARG A 120 9.79 7.42 -10.23
CA ARG A 120 9.28 6.87 -11.49
C ARG A 120 10.00 5.57 -11.83
N GLN A 121 11.31 5.49 -11.57
CA GLN A 121 12.03 4.26 -11.90
C GLN A 121 11.50 3.06 -11.10
N LYS A 122 11.12 3.27 -9.85
CA LYS A 122 10.55 2.18 -9.07
C LYS A 122 9.25 1.68 -9.68
N ARG A 124 8.40 1.88 -12.83
CA ARG A 124 8.75 1.14 -14.05
C ARG A 124 9.22 -0.26 -13.74
N ASP A 125 10.07 -0.39 -12.72
CA ASP A 125 10.61 -1.71 -12.37
C ASP A 125 9.53 -2.62 -11.77
N TRP A 126 8.66 -2.09 -10.91
CA TRP A 126 7.58 -2.93 -10.38
C TRP A 126 6.64 -3.40 -11.51
N LEU A 127 6.29 -2.48 -12.42
CA LEU A 127 5.38 -2.83 -13.50
C LEU A 127 6.04 -3.76 -14.52
N ALA A 128 7.34 -3.62 -14.71
CA ALA A 128 8.07 -4.55 -15.58
C ALA A 128 8.07 -5.94 -14.96
N ARG A 129 8.26 -6.02 -13.64
CA ARG A 129 8.23 -7.32 -12.97
C ARG A 129 6.85 -7.95 -13.12
N CYS A 130 5.80 -7.15 -12.95
CA CYS A 130 4.43 -7.66 -13.17
C CYS A 130 4.27 -8.22 -14.58
N GLU A 131 4.69 -7.46 -15.57
N GLU A 131 4.70 -7.46 -15.58
CA GLU A 131 4.55 -7.93 -16.95
CA GLU A 131 4.58 -7.88 -16.98
C GLU A 131 5.34 -9.23 -17.20
C GLU A 131 5.37 -9.17 -17.27
N SER A 132 6.56 -9.29 -16.68
CA SER A 132 7.39 -10.49 -16.85
C SER A 132 6.73 -11.73 -16.23
N LEU A 133 5.95 -11.52 -15.18
CA LEU A 133 5.25 -12.61 -14.47
C LEU A 133 3.83 -12.84 -14.95
N SER A 134 3.43 -12.12 -16.01
CA SER A 134 2.07 -12.22 -16.55
C SER A 134 0.99 -11.78 -15.55
N LEU A 135 1.38 -10.93 -14.61
CA LEU A 135 0.42 -10.38 -13.67
C LEU A 135 -0.24 -9.21 -14.33
N GLN A 136 -1.56 -9.17 -14.22
CA GLN A 136 -2.37 -8.11 -14.81
C GLN A 136 -2.90 -7.25 -13.63
N PRO A 137 -2.21 -6.14 -13.31
CA PRO A 137 -2.60 -5.40 -12.10
C PRO A 137 -3.85 -4.57 -12.22
N LEU A 138 -4.74 -4.79 -11.26
N LEU A 138 -4.80 -4.73 -11.31
CA LEU A 138 -6.01 -4.09 -11.12
CA LEU A 138 -5.95 -3.84 -11.34
C LEU A 138 -5.87 -2.82 -10.28
C LEU A 138 -5.70 -2.61 -10.47
N ALA A 139 -4.77 -2.74 -9.53
CA ALA A 139 -4.42 -1.63 -8.64
C ALA A 139 -3.02 -1.87 -8.12
N LEU A 140 -2.35 -0.80 -7.73
N LEU A 140 -2.32 -0.79 -7.77
CA LEU A 140 -0.99 -0.88 -7.17
CA LEU A 140 -0.96 -0.83 -7.20
C LEU A 140 -1.00 0.02 -5.95
C LEU A 140 -1.06 0.03 -5.94
N THR A 141 -0.99 -0.61 -4.77
CA THR A 141 -1.25 0.09 -3.51
C THR A 141 -0.10 0.01 -2.54
N PRO A 142 0.27 1.14 -1.91
CA PRO A 142 1.25 1.05 -0.82
C PRO A 142 0.75 0.07 0.24
N ASP A 143 1.61 -0.85 0.65
CA ASP A 143 1.20 -1.95 1.55
C ASP A 143 0.52 -1.50 2.83
N VAL A 144 1.04 -0.44 3.44
CA VAL A 144 0.49 0.06 4.69
C VAL A 144 -0.98 0.48 4.54
N LEU A 145 -1.39 0.87 3.32
CA LEU A 145 -2.75 1.33 3.08
C LEU A 145 -3.76 0.18 2.94
N ALA A 146 -3.26 -1.06 2.94
CA ALA A 146 -4.13 -2.23 2.96
C ALA A 146 -4.51 -2.63 4.40
N LEU A 147 -3.82 -2.06 5.40
N LEU A 147 -3.84 -2.04 5.39
CA LEU A 147 -4.15 -2.33 6.79
CA LEU A 147 -4.16 -2.32 6.79
C LEU A 147 -5.49 -1.72 7.17
C LEU A 147 -5.49 -1.71 7.18
N PRO A 148 -6.13 -2.27 8.21
CA PRO A 148 -7.39 -1.68 8.65
C PRO A 148 -7.23 -0.23 9.10
N TRP A 149 -8.27 0.57 8.90
CA TRP A 149 -8.29 1.92 9.42
C TRP A 149 -9.52 2.00 10.28
N GLN A 150 -9.30 1.91 11.59
N GLN A 150 -9.29 1.87 11.59
CA GLN A 150 -10.35 1.87 12.60
CA GLN A 150 -10.33 1.90 12.60
C GLN A 150 -10.01 2.91 13.67
C GLN A 150 -9.92 2.91 13.65
N PRO A 151 -10.02 4.20 13.30
CA PRO A 151 -9.62 5.27 14.20
C PRO A 151 -10.47 5.31 15.47
N PRO A 152 -9.97 5.87 16.56
CA PRO A 152 -8.70 6.60 16.63
C PRO A 152 -7.46 5.72 16.78
N ALA A 153 -7.63 4.41 16.95
CA ALA A 153 -6.46 3.54 17.00
C ALA A 153 -5.76 3.46 15.66
N TRP A 154 -4.47 3.19 15.71
CA TRP A 154 -3.66 2.90 14.55
C TRP A 154 -3.67 1.38 14.38
N SER A 155 -3.16 0.92 13.23
N SER A 155 -3.18 0.89 13.24
CA SER A 155 -3.05 -0.49 12.92
CA SER A 155 -3.05 -0.56 13.05
C SER A 155 -1.58 -0.84 12.63
C SER A 155 -1.64 -0.89 12.56
N ALA A 156 -1.19 -2.08 12.88
CA ALA A 156 0.18 -2.49 12.60
C ALA A 156 0.29 -3.98 12.29
N VAL A 157 1.27 -4.32 11.47
CA VAL A 157 1.58 -5.72 11.20
C VAL A 157 3.03 -5.79 10.75
N GLN A 158 3.67 -6.95 10.96
CA GLN A 158 5.02 -7.18 10.45
C GLN A 158 5.03 -7.92 9.13
N VAL A 159 5.94 -7.51 8.25
CA VAL A 159 6.20 -8.24 7.01
C VAL A 159 7.72 -8.32 6.93
N ASP A 160 8.26 -9.53 6.94
CA ASP A 160 9.71 -9.74 6.91
C ASP A 160 10.43 -8.88 7.95
N GLU A 161 10.00 -8.99 9.20
CA GLU A 161 10.58 -8.21 10.34
C GLU A 161 10.25 -6.70 10.35
N GLN A 162 9.96 -6.12 9.19
CA GLN A 162 9.62 -4.70 9.09
C GLN A 162 8.18 -4.46 9.55
N TRP A 163 8.01 -3.43 10.36
CA TRP A 163 6.69 -3.04 10.84
C TRP A 163 6.04 -2.04 9.89
N LEU A 164 4.79 -2.30 9.56
CA LEU A 164 3.93 -1.37 8.82
C LEU A 164 2.97 -0.83 9.85
N ILE A 165 2.88 0.48 9.94
CA ILE A 165 2.00 1.14 10.89
C ILE A 165 1.13 2.17 10.18
N ARG A 166 -0.18 1.91 10.18
N ARG A 166 -0.17 1.91 10.13
CA ARG A 166 -1.17 2.78 9.53
CA ARG A 166 -1.08 2.84 9.49
C ARG A 166 -1.63 3.78 10.60
C ARG A 166 -1.59 3.77 10.58
N HIS A 167 -1.17 5.02 10.49
CA HIS A 167 -1.45 6.04 11.51
C HIS A 167 -2.33 7.20 11.03
N GLN A 168 -2.75 7.16 9.76
N GLN A 168 -2.74 7.13 9.75
CA GLN A 168 -3.65 8.18 9.25
CA GLN A 168 -3.54 8.17 9.11
C GLN A 168 -4.40 7.54 8.09
C GLN A 168 -4.41 7.51 8.07
N PRO A 169 -5.48 8.20 7.63
CA PRO A 169 -6.28 7.56 6.57
C PRO A 169 -5.55 7.45 5.23
N TRP A 170 -4.62 8.37 4.96
CA TRP A 170 -3.99 8.45 3.63
C TRP A 170 -2.48 8.31 3.67
N GLY A 171 -1.97 7.62 4.69
CA GLY A 171 -0.54 7.41 4.82
C GLY A 171 -0.22 6.42 5.91
N GLY A 172 1.04 6.06 5.98
CA GLY A 172 1.52 5.14 6.99
C GLY A 172 3.02 5.17 7.04
N ALA A 174 6.77 2.80 7.79
CA ALA A 174 7.43 1.51 7.74
C ALA A 174 8.64 1.66 8.63
N ALA A 175 8.88 0.69 9.49
CA ALA A 175 9.97 0.81 10.42
C ALA A 175 10.59 -0.51 10.78
N GLU A 176 11.91 -0.48 10.98
N GLU A 176 11.91 -0.49 10.99
CA GLU A 176 12.63 -1.66 11.50
CA GLU A 176 12.60 -1.68 11.50
C GLU A 176 12.30 -1.72 12.99
C GLU A 176 12.28 -1.72 12.98
N ASN A 177 12.31 -2.92 13.56
CA ASN A 177 11.98 -3.08 14.99
C ASN A 177 12.73 -2.09 15.93
N VAL A 178 14.00 -1.81 15.64
CA VAL A 178 14.80 -0.88 16.48
C VAL A 178 14.45 0.63 16.38
N TRP A 179 13.69 1.03 15.36
CA TRP A 179 13.33 2.46 15.20
C TRP A 179 12.09 2.88 15.91
N LEU A 180 11.29 1.92 16.37
CA LEU A 180 9.99 2.22 16.95
C LEU A 180 10.02 3.14 18.13
N THR A 181 11.02 2.98 19.00
CA THR A 181 11.14 3.87 20.14
C THR A 181 11.37 5.29 19.67
N GLU A 182 12.27 5.44 18.71
CA GLU A 182 12.60 6.74 18.13
C GLU A 182 11.45 7.27 17.30
N LEU A 183 10.89 6.44 16.42
CA LEU A 183 9.77 6.85 15.57
C LEU A 183 8.51 7.13 16.33
N LEU A 184 8.18 6.25 17.27
CA LEU A 184 6.97 6.44 18.05
C LEU A 184 7.19 7.49 19.10
N GLN A 185 8.46 7.81 19.43
CA GLN A 185 8.69 8.99 20.25
C GLN A 185 9.49 10.13 19.61
N SER A 186 9.43 10.13 18.29
CA SER A 186 9.83 11.27 17.47
C SER A 186 8.48 11.92 17.14
N GLU A 187 7.41 11.11 17.25
CA GLU A 187 6.04 11.58 17.08
C GLU A 187 5.66 12.49 18.25
N ALA A 188 4.61 13.28 18.06
CA ALA A 188 4.13 14.22 19.06
C ALA A 188 3.69 13.53 20.35
N GLU A 189 2.72 12.63 20.23
CA GLU A 189 2.17 11.91 21.39
C GLU A 189 2.13 10.40 21.22
N GLU A 190 1.86 9.72 22.33
CA GLU A 190 1.73 8.25 22.34
C GLU A 190 0.35 7.88 21.82
N HIS A 191 0.24 6.68 21.27
CA HIS A 191 -1.01 6.21 20.66
C HIS A 191 -1.36 4.78 20.99
N VAL A 192 -2.57 4.40 20.57
CA VAL A 192 -3.08 3.04 20.70
C VAL A 192 -2.91 2.37 19.35
N ILE A 193 -2.34 1.16 19.36
CA ILE A 193 -2.00 0.45 18.13
C ILE A 193 -2.54 -0.97 18.17
N ASP A 194 -3.44 -1.28 17.24
CA ASP A 194 -3.98 -2.64 17.07
C ASP A 194 -2.95 -3.42 16.26
N SER A 195 -2.36 -4.43 16.89
CA SER A 195 -1.24 -5.16 16.30
C SER A 195 -1.62 -6.57 15.85
N TYR A 196 -1.50 -6.79 14.54
CA TYR A 196 -1.84 -8.06 13.93
C TYR A 196 -0.66 -9.04 13.87
N SER A 197 0.45 -8.65 14.50
CA SER A 197 1.62 -9.51 14.75
C SER A 197 1.90 -9.35 16.24
N PRO A 198 2.70 -10.27 16.84
CA PRO A 198 3.02 -10.10 18.27
C PRO A 198 3.63 -8.74 18.53
N PRO A 199 3.12 -7.99 19.54
CA PRO A 199 3.62 -6.65 19.79
C PRO A 199 5.09 -6.56 20.19
N PRO A 200 5.79 -5.53 19.71
CA PRO A 200 7.17 -5.35 20.12
C PRO A 200 7.20 -4.52 21.39
N ALA A 201 8.37 -4.43 22.03
CA ALA A 201 8.50 -3.57 23.19
C ALA A 201 8.75 -2.19 22.61
N ALA A 202 7.68 -1.39 22.55
CA ALA A 202 7.75 -0.07 21.93
C ALA A 202 6.80 0.91 22.63
N PRO A 203 6.99 2.23 22.38
CA PRO A 203 6.07 3.21 22.97
C PRO A 203 4.64 3.03 22.46
N GLY A 204 3.69 3.44 23.29
CA GLY A 204 2.28 3.35 22.95
C GLY A 204 1.63 2.16 23.63
N VAL A 205 0.32 2.04 23.41
CA VAL A 205 -0.45 0.95 23.94
C VAL A 205 -0.71 -0.01 22.80
N TRP A 206 -0.02 -1.13 22.81
CA TRP A 206 -0.13 -2.13 21.75
C TRP A 206 -1.14 -3.18 22.18
N ARG A 207 -2.18 -3.36 21.36
CA ARG A 207 -3.23 -4.33 21.62
C ARG A 207 -3.08 -5.48 20.67
N GLU A 208 -2.72 -6.63 21.20
CA GLU A 208 -2.51 -7.81 20.38
C GLU A 208 -3.83 -8.37 19.87
N GLN A 209 -4.00 -8.33 18.55
CA GLN A 209 -5.17 -8.87 17.88
C GLN A 209 -4.87 -10.32 17.51
N PRO A 210 -5.91 -11.11 17.21
CA PRO A 210 -5.62 -12.45 16.68
C PRO A 210 -4.75 -12.25 15.43
N ALA A 211 -3.62 -12.95 15.37
CA ALA A 211 -2.63 -12.71 14.33
C ALA A 211 -3.13 -12.93 12.91
N GLN A 212 -2.75 -12.02 12.02
CA GLN A 212 -3.08 -12.13 10.60
C GLN A 212 -1.90 -11.60 9.81
N THR A 213 -1.65 -12.20 8.64
CA THR A 213 -0.60 -11.70 7.77
C THR A 213 -1.10 -10.47 7.01
N LEU A 214 -0.16 -9.72 6.45
CA LEU A 214 -0.51 -8.57 5.62
C LEU A 214 -1.47 -8.95 4.50
N LEU A 215 -1.19 -10.03 3.77
CA LEU A 215 -2.04 -10.35 2.61
C LEU A 215 -3.44 -10.79 3.04
N THR A 216 -3.54 -11.42 4.22
CA THR A 216 -4.86 -11.74 4.76
C THR A 216 -5.62 -10.46 5.12
N LEU A 217 -4.95 -9.51 5.75
CA LEU A 217 -5.57 -8.23 6.06
C LEU A 217 -6.03 -7.52 4.78
N ALA A 218 -5.19 -7.55 3.75
CA ALA A 218 -5.55 -6.94 2.47
C ALA A 218 -6.81 -7.59 1.89
N ALA A 219 -6.87 -8.91 1.92
CA ALA A 219 -8.01 -9.65 1.36
C ALA A 219 -9.32 -9.26 2.03
N ARG A 220 -9.24 -8.89 3.31
CA ARG A 220 -10.44 -8.49 4.07
C ARG A 220 -10.77 -7.01 3.90
N HIS A 221 -9.95 -6.29 3.13
CA HIS A 221 -10.07 -4.84 2.97
C HIS A 221 -10.03 -4.42 1.49
N PRO A 222 -10.93 -4.97 0.66
CA PRO A 222 -10.87 -4.68 -0.79
C PRO A 222 -11.06 -3.20 -1.16
N ALA A 223 -11.67 -2.42 -0.28
CA ALA A 223 -11.84 -0.99 -0.52
C ALA A 223 -10.49 -0.30 -0.72
N ALA A 224 -9.44 -0.87 -0.13
CA ALA A 224 -8.10 -0.29 -0.22
C ALA A 224 -7.54 -0.34 -1.64
N GLN A 225 -8.15 -1.15 -2.50
CA GLN A 225 -7.76 -1.19 -3.90
C GLN A 225 -7.96 0.16 -4.59
N LYS A 226 -8.83 0.99 -4.02
N LYS A 226 -8.83 1.01 -4.03
CA LYS A 226 -9.11 2.31 -4.56
CA LYS A 226 -9.07 2.33 -4.61
C LYS A 226 -7.93 3.27 -4.37
C LYS A 226 -7.98 3.34 -4.30
N LEU A 227 -7.03 2.96 -3.44
CA LEU A 227 -5.85 3.79 -3.13
C LEU A 227 -4.75 3.21 -4.02
N SER A 228 -4.53 3.83 -5.18
CA SER A 228 -3.68 3.22 -6.19
C SER A 228 -2.76 4.22 -6.88
N LEU A 229 -1.55 3.74 -7.15
CA LEU A 229 -0.54 4.52 -7.85
C LEU A 229 -0.69 4.45 -9.37
N LEU A 230 -1.64 3.64 -9.87
CA LEU A 230 -1.88 3.53 -11.31
C LEU A 230 -2.68 4.74 -11.80
N GLN A 231 -1.96 5.82 -12.00
CA GLN A 231 -2.48 7.11 -12.43
C GLN A 231 -1.51 7.73 -13.41
N GLY A 232 -2.03 8.65 -14.24
CA GLY A 232 -1.18 9.36 -15.17
C GLY A 232 -0.50 8.43 -16.15
N GLU A 233 0.84 8.52 -16.26
CA GLU A 233 1.55 7.67 -17.22
C GLU A 233 1.48 6.19 -16.85
N PHE A 234 1.08 5.87 -15.61
CA PHE A 234 0.95 4.49 -15.19
C PHE A 234 -0.50 4.04 -15.00
N ALA A 235 -1.44 4.77 -15.63
CA ALA A 235 -2.87 4.44 -15.47
C ALA A 235 -3.24 3.10 -16.06
N VAL A 236 -2.56 2.72 -17.13
CA VAL A 236 -2.84 1.48 -17.82
C VAL A 236 -1.54 1.03 -18.48
N ARG A 237 -1.40 -0.29 -18.64
CA ARG A 237 -0.20 -0.88 -19.27
CA ARG A 237 -0.21 -0.88 -19.27
C ARG A 237 0.04 -0.22 -20.61
#